data_5WB5
#
_entry.id   5WB5
#
_cell.length_a   68.220
_cell.length_b   68.220
_cell.length_c   220.200
_cell.angle_alpha   90.000
_cell.angle_beta   90.000
_cell.angle_gamma   120.000
#
_symmetry.space_group_name_H-M   'P 62 2 2'
#
loop_
_entity.id
_entity.type
_entity.pdbx_description
1 polymer 'Putative eukaryotic translation initiation factor eIF-4E'
2 polymer 'Uncharacterized protein'
3 non-polymer DI(HYDROXYETHYL)ETHER
4 water water
#
loop_
_entity_poly.entity_id
_entity_poly.type
_entity_poly.pdbx_seq_one_letter_code
_entity_poly.pdbx_strand_id
1 'polypeptide(L)'
;GAMGSMSAPSSVPPHKMANLHKLQRAWTLWYDSPSTYNTENWEMSLVPIMTVHSVEEFFVMLRYMKPLHALRTSSQYHFF
QEGVKPMWEDPANKKGGKLWVNLDITSANGRSSNNNTSGTSAADGSAAEAKTDLDKAWENVLMATVGEYLDCVDKKDTPT
EPFVTGIVMSKRKYHNRLAVWVSDASATDKIEALKKALTKEASLAPIASMVFTKHGEAS
;
A
2 'polypeptide(L)' GSPSVRTMYTREELLRIATLASAMDLGPEVLRKFDVIEVAEPVPTPKRRDAES B
#
# COMPACT_ATOMS: atom_id res chain seq x y z
N ALA A 18 -27.37 1.14 -3.17
CA ALA A 18 -25.98 1.45 -2.84
C ALA A 18 -25.11 1.44 -4.10
N ASN A 19 -25.15 2.54 -4.85
CA ASN A 19 -24.34 2.67 -6.05
C ASN A 19 -22.86 2.85 -5.69
N LEU A 20 -22.15 1.74 -5.54
CA LEU A 20 -20.73 1.76 -5.21
C LEU A 20 -19.89 1.65 -6.48
N HIS A 21 -18.65 2.13 -6.39
CA HIS A 21 -17.73 2.11 -7.52
C HIS A 21 -16.76 0.95 -7.33
N LYS A 22 -17.09 -0.18 -7.95
CA LYS A 22 -16.35 -1.41 -7.75
C LYS A 22 -14.95 -1.31 -8.34
N LEU A 23 -14.00 -1.98 -7.70
CA LEU A 23 -12.63 -2.05 -8.16
C LEU A 23 -12.44 -3.27 -9.06
N GLN A 24 -11.35 -3.24 -9.84
CA GLN A 24 -11.01 -4.41 -10.64
C GLN A 24 -10.63 -5.59 -9.76
N ARG A 25 -10.10 -5.32 -8.57
CA ARG A 25 -9.66 -6.37 -7.67
C ARG A 25 -9.84 -5.90 -6.23
N ALA A 26 -10.06 -6.87 -5.34
CA ALA A 26 -10.05 -6.58 -3.92
C ALA A 26 -8.61 -6.45 -3.43
N TRP A 27 -8.44 -5.72 -2.32
CA TRP A 27 -7.09 -5.48 -1.80
C TRP A 27 -7.13 -5.52 -0.28
N THR A 28 -6.16 -6.21 0.32
CA THR A 28 -6.06 -6.34 1.76
C THR A 28 -4.86 -5.57 2.28
N LEU A 29 -5.07 -4.90 3.41
CA LEU A 29 -4.05 -4.11 4.09
C LEU A 29 -3.53 -4.87 5.31
N TRP A 30 -2.22 -4.81 5.54
CA TRP A 30 -1.56 -5.46 6.65
C TRP A 30 -0.60 -4.46 7.30
N TYR A 31 -0.30 -4.70 8.58
CA TYR A 31 0.62 -3.87 9.35
C TYR A 31 1.48 -4.75 10.24
N ASP A 32 2.78 -4.50 10.26
CA ASP A 32 3.66 -5.23 11.18
C ASP A 32 4.69 -4.29 11.78
N SER A 33 5.25 -4.73 12.91
CA SER A 33 6.20 -3.93 13.70
C SER A 33 6.78 -4.80 14.81
N PRO A 34 7.78 -4.32 15.54
CA PRO A 34 8.32 -5.14 16.65
C PRO A 34 7.27 -5.57 17.65
N SER A 35 6.19 -4.79 17.81
CA SER A 35 5.13 -5.18 18.74
C SER A 35 4.32 -6.36 18.21
N THR A 36 4.27 -6.53 16.89
CA THR A 36 3.61 -7.69 16.29
C THR A 36 4.59 -8.81 15.98
N TYR A 37 5.89 -8.58 16.20
CA TYR A 37 6.89 -9.60 15.90
C TYR A 37 6.60 -10.89 16.66
N ASN A 38 6.41 -11.97 15.92
CA ASN A 38 6.16 -13.29 16.50
C ASN A 38 7.47 -14.07 16.50
N THR A 39 8.06 -14.23 17.69
CA THR A 39 9.36 -14.89 17.80
C THR A 39 9.28 -16.35 17.41
N GLU A 40 8.12 -16.99 17.63
CA GLU A 40 7.99 -18.41 17.33
C GLU A 40 7.76 -18.66 15.84
N ASN A 41 6.81 -17.95 15.24
CA ASN A 41 6.49 -18.11 13.82
C ASN A 41 6.52 -16.73 13.17
N TRP A 42 7.53 -16.49 12.33
CA TRP A 42 7.69 -15.17 11.72
C TRP A 42 6.47 -14.77 10.91
N GLU A 43 5.85 -15.74 10.22
CA GLU A 43 4.73 -15.41 9.34
C GLU A 43 3.61 -14.71 10.10
N MET A 44 3.26 -15.23 11.28
CA MET A 44 2.17 -14.65 12.07
C MET A 44 2.47 -13.23 12.53
N SER A 45 3.68 -12.72 12.28
CA SER A 45 3.97 -11.33 12.62
C SER A 45 3.11 -10.37 11.81
N LEU A 46 2.53 -10.84 10.71
CA LEU A 46 1.69 -9.99 9.88
C LEU A 46 0.26 -9.96 10.40
N VAL A 47 -0.34 -8.78 10.39
CA VAL A 47 -1.69 -8.57 10.92
C VAL A 47 -2.55 -7.96 9.80
N PRO A 48 -3.44 -8.76 9.19
CA PRO A 48 -4.35 -8.19 8.19
C PRO A 48 -5.38 -7.29 8.87
N ILE A 49 -5.59 -6.10 8.28
CA ILE A 49 -6.41 -5.08 8.92
C ILE A 49 -7.78 -5.00 8.25
N MET A 50 -7.80 -4.78 6.93
CA MET A 50 -9.06 -4.49 6.25
C MET A 50 -8.93 -4.84 4.77
N THR A 51 -10.02 -5.34 4.21
CA THR A 51 -10.12 -5.60 2.79
C THR A 51 -11.06 -4.59 2.14
N VAL A 52 -10.66 -4.09 0.98
CA VAL A 52 -11.40 -3.07 0.24
C VAL A 52 -11.79 -3.65 -1.12
N HIS A 53 -13.05 -3.41 -1.50
CA HIS A 53 -13.57 -3.83 -2.81
C HIS A 53 -14.06 -2.69 -3.65
N SER A 54 -14.11 -1.46 -3.12
CA SER A 54 -14.62 -0.30 -3.85
C SER A 54 -13.80 0.92 -3.52
N VAL A 55 -13.92 1.95 -4.38
CA VAL A 55 -13.21 3.21 -4.15
C VAL A 55 -13.61 3.81 -2.81
N GLU A 56 -14.89 3.71 -2.45
CA GLU A 56 -15.35 4.25 -1.18
C GLU A 56 -14.71 3.52 -0.01
N GLU A 57 -14.71 2.19 -0.05
CA GLU A 57 -14.03 1.42 0.99
C GLU A 57 -12.56 1.82 1.08
N PHE A 58 -11.91 2.00 -0.08
CA PHE A 58 -10.52 2.39 -0.09
C PHE A 58 -10.30 3.71 0.65
N PHE A 59 -11.15 4.71 0.36
CA PHE A 59 -10.96 6.01 1.01
C PHE A 59 -11.32 5.97 2.49
N VAL A 60 -12.24 5.08 2.89
CA VAL A 60 -12.49 4.91 4.33
C VAL A 60 -11.26 4.32 5.01
N MET A 61 -10.71 3.25 4.42
CA MET A 61 -9.45 2.71 4.89
C MET A 61 -8.42 3.81 5.07
N LEU A 62 -8.22 4.62 4.03
CA LEU A 62 -7.27 5.73 4.12
C LEU A 62 -7.62 6.65 5.29
N ARG A 63 -8.89 6.94 5.48
CA ARG A 63 -9.31 7.78 6.59
C ARG A 63 -8.78 7.24 7.91
N TYR A 64 -8.94 5.93 8.12
CA TYR A 64 -8.57 5.35 9.41
C TYR A 64 -7.15 4.79 9.44
N MET A 65 -6.37 4.96 8.37
CA MET A 65 -4.96 4.60 8.42
C MET A 65 -4.16 5.68 9.12
N LYS A 66 -3.03 5.29 9.69
CA LYS A 66 -2.19 6.29 10.34
C LYS A 66 -1.20 6.85 9.32
N PRO A 67 -0.96 8.17 9.31
CA PRO A 67 0.03 8.72 8.38
C PRO A 67 1.43 8.25 8.72
N LEU A 68 2.28 8.19 7.70
CA LEU A 68 3.65 7.75 7.89
C LEU A 68 4.44 8.76 8.71
N HIS A 69 4.10 10.05 8.61
CA HIS A 69 4.79 11.06 9.39
C HIS A 69 4.67 10.80 10.88
N ALA A 70 3.57 10.18 11.31
CA ALA A 70 3.33 9.86 12.71
C ALA A 70 3.49 8.38 13.02
N LEU A 71 3.84 7.56 12.03
CA LEU A 71 3.93 6.13 12.23
C LEU A 71 5.20 5.77 12.99
N ARG A 72 5.21 4.58 13.58
CA ARG A 72 6.31 4.16 14.42
C ARG A 72 7.56 3.88 13.58
N THR A 73 8.71 3.94 14.25
CA THR A 73 9.99 3.89 13.54
C THR A 73 10.18 2.57 12.78
N SER A 74 9.75 1.46 13.37
CA SER A 74 9.88 0.14 12.76
C SER A 74 8.49 -0.40 12.49
N SER A 75 7.92 -0.02 11.35
CA SER A 75 6.58 -0.44 10.96
C SER A 75 6.54 -0.65 9.46
N GLN A 76 5.59 -1.47 9.02
CA GLN A 76 5.41 -1.70 7.59
C GLN A 76 3.93 -1.86 7.27
N TYR A 77 3.47 -1.06 6.30
CA TYR A 77 2.18 -1.26 5.63
C TYR A 77 2.38 -2.17 4.44
N HIS A 78 1.52 -3.18 4.32
CA HIS A 78 1.47 -4.02 3.13
C HIS A 78 0.08 -3.86 2.53
N PHE A 79 0.00 -3.89 1.20
CA PHE A 79 -1.27 -3.69 0.50
C PHE A 79 -1.22 -4.60 -0.72
N PHE A 80 -1.90 -5.75 -0.65
CA PHE A 80 -1.75 -6.80 -1.65
C PHE A 80 -3.12 -7.28 -2.13
N GLN A 81 -3.15 -7.77 -3.37
CA GLN A 81 -4.39 -8.32 -3.90
C GLN A 81 -4.94 -9.38 -2.94
N GLU A 82 -6.27 -9.46 -2.87
CA GLU A 82 -6.89 -10.43 -1.97
C GLU A 82 -6.49 -11.83 -2.36
N GLY A 83 -6.23 -12.67 -1.36
CA GLY A 83 -5.73 -14.00 -1.60
C GLY A 83 -4.27 -14.05 -1.96
N VAL A 84 -3.51 -13.00 -1.65
CA VAL A 84 -2.09 -12.93 -1.96
C VAL A 84 -1.38 -12.39 -0.72
N LYS A 85 -0.58 -13.23 -0.08
CA LYS A 85 0.16 -12.80 1.09
C LYS A 85 1.38 -11.97 0.68
N PRO A 86 1.79 -11.00 1.53
CA PRO A 86 2.97 -10.16 1.22
C PRO A 86 4.29 -10.86 1.50
N MET A 87 4.46 -12.06 0.96
CA MET A 87 5.64 -12.87 1.21
C MET A 87 6.05 -13.59 -0.07
N TRP A 88 7.36 -13.87 -0.18
CA TRP A 88 7.87 -14.57 -1.35
C TRP A 88 7.27 -15.97 -1.46
N GLU A 89 7.04 -16.63 -0.32
CA GLU A 89 6.46 -17.98 -0.34
C GLU A 89 5.11 -18.01 -1.03
N ASP A 90 4.47 -16.85 -1.20
CA ASP A 90 3.20 -16.79 -1.91
C ASP A 90 3.41 -17.19 -3.36
N PRO A 91 2.56 -18.06 -3.93
CA PRO A 91 2.73 -18.41 -5.35
C PRO A 91 2.66 -17.21 -6.27
N ALA A 92 2.00 -16.13 -5.85
CA ALA A 92 1.91 -14.94 -6.70
C ALA A 92 3.24 -14.20 -6.76
N ASN A 93 4.08 -14.33 -5.74
CA ASN A 93 5.35 -13.62 -5.66
C ASN A 93 6.56 -14.52 -5.85
N LYS A 94 6.36 -15.82 -6.06
CA LYS A 94 7.49 -16.73 -6.14
C LYS A 94 8.39 -16.40 -7.33
N LYS A 95 7.80 -16.24 -8.51
CA LYS A 95 8.59 -15.98 -9.71
C LYS A 95 8.95 -14.51 -9.83
N GLY A 96 8.14 -13.62 -9.27
CA GLY A 96 8.35 -12.20 -9.43
C GLY A 96 9.36 -11.64 -8.44
N GLY A 97 9.36 -10.31 -8.36
CA GLY A 97 10.23 -9.60 -7.45
C GLY A 97 9.60 -8.32 -6.97
N LYS A 98 10.44 -7.37 -6.54
CA LYS A 98 9.95 -6.08 -6.07
C LYS A 98 10.85 -4.96 -6.58
N LEU A 99 10.22 -3.88 -7.03
CA LEU A 99 10.90 -2.65 -7.41
C LEU A 99 10.71 -1.65 -6.28
N TRP A 100 11.81 -1.23 -5.65
CA TRP A 100 11.73 -0.41 -4.45
C TRP A 100 12.62 0.82 -4.58
N VAL A 101 12.34 1.78 -3.71
CA VAL A 101 13.06 3.06 -3.65
C VAL A 101 13.16 3.48 -2.19
N ASN A 102 14.23 4.23 -1.88
CA ASN A 102 14.48 4.74 -0.53
C ASN A 102 14.17 6.24 -0.53
N LEU A 103 13.05 6.61 0.05
CA LEU A 103 12.73 8.00 0.30
C LEU A 103 13.34 8.43 1.65
N ASP A 104 13.30 9.73 1.91
CA ASP A 104 13.88 10.28 3.12
C ASP A 104 12.78 10.93 3.97
N ILE A 105 13.11 11.17 5.24
CA ILE A 105 12.15 11.73 6.19
C ILE A 105 11.57 13.03 5.65
N ALA A 127 -2.05 23.16 15.43
CA ALA A 127 -2.08 21.76 15.84
C ALA A 127 -2.03 20.83 14.63
N ALA A 128 -2.95 21.02 13.70
CA ALA A 128 -2.96 20.23 12.49
C ALA A 128 -1.97 20.81 11.48
N GLU A 129 -1.37 19.91 10.69
CA GLU A 129 -0.32 20.28 9.75
C GLU A 129 -0.66 19.71 8.38
N ALA A 130 0.03 20.21 7.36
CA ALA A 130 -0.19 19.75 6.00
C ALA A 130 0.48 18.39 5.79
N LYS A 131 -0.17 17.56 4.98
CA LYS A 131 0.39 16.24 4.67
C LYS A 131 1.81 16.38 4.15
N THR A 132 2.69 15.49 4.60
CA THR A 132 4.05 15.48 4.11
C THR A 132 4.10 14.91 2.70
N ASP A 133 5.16 15.25 1.98
CA ASP A 133 5.37 14.69 0.64
C ASP A 133 5.42 13.16 0.69
N LEU A 134 5.92 12.60 1.78
CA LEU A 134 5.96 11.15 1.92
C LEU A 134 4.54 10.57 1.98
N ASP A 135 3.68 11.16 2.82
CA ASP A 135 2.30 10.71 2.87
C ASP A 135 1.62 10.90 1.52
N LYS A 136 1.89 12.02 0.84
CA LYS A 136 1.27 12.26 -0.46
C LYS A 136 1.69 11.21 -1.48
N ALA A 137 2.97 10.84 -1.49
CA ALA A 137 3.43 9.81 -2.42
C ALA A 137 2.84 8.45 -2.08
N TRP A 138 2.74 8.15 -0.78
CA TRP A 138 2.11 6.90 -0.37
C TRP A 138 0.66 6.83 -0.86
N GLU A 139 -0.09 7.93 -0.67
CA GLU A 139 -1.47 7.97 -1.13
C GLU A 139 -1.55 7.86 -2.66
N ASN A 140 -0.65 8.54 -3.37
CA ASN A 140 -0.67 8.47 -4.83
C ASN A 140 -0.43 7.05 -5.32
N VAL A 141 0.53 6.35 -4.71
CA VAL A 141 0.83 4.98 -5.15
C VAL A 141 -0.33 4.05 -4.79
N LEU A 142 -0.96 4.27 -3.64
CA LEU A 142 -2.12 3.44 -3.30
C LEU A 142 -3.25 3.66 -4.28
N MET A 143 -3.51 4.92 -4.64
CA MET A 143 -4.58 5.22 -5.59
C MET A 143 -4.27 4.64 -6.96
N ALA A 144 -3.00 4.68 -7.37
CA ALA A 144 -2.61 4.06 -8.63
C ALA A 144 -2.78 2.55 -8.57
N THR A 145 -2.53 1.95 -7.41
CA THR A 145 -2.72 0.51 -7.28
C THR A 145 -4.19 0.15 -7.45
N VAL A 146 -5.06 0.76 -6.65
CA VAL A 146 -6.48 0.38 -6.69
C VAL A 146 -7.10 0.77 -8.04
N GLY A 147 -6.68 1.91 -8.60
CA GLY A 147 -7.18 2.38 -9.87
C GLY A 147 -6.63 1.66 -11.08
N GLU A 148 -5.67 0.77 -10.89
CA GLU A 148 -5.13 -0.08 -11.96
C GLU A 148 -4.38 0.71 -13.02
N TYR A 149 -3.91 1.92 -12.71
CA TYR A 149 -3.02 2.64 -13.61
C TYR A 149 -1.58 2.63 -13.12
N LEU A 150 -1.21 1.63 -12.32
CA LEU A 150 0.20 1.37 -12.04
C LEU A 150 0.83 0.57 -13.17
N ASP A 151 0.02 -0.21 -13.90
CA ASP A 151 0.42 -0.84 -15.15
C ASP A 151 -0.75 -0.74 -16.11
N CYS A 152 -0.63 0.13 -17.11
CA CYS A 152 -1.74 0.47 -17.99
C CYS A 152 -1.85 -0.46 -19.20
N VAL A 153 -1.10 -1.56 -19.22
CA VAL A 153 -1.11 -2.51 -20.34
C VAL A 153 -1.21 -1.79 -21.68
N GLU A 161 -3.38 -12.28 -17.10
CA GLU A 161 -3.05 -12.31 -15.67
C GLU A 161 -2.51 -10.95 -15.22
N PRO A 162 -2.57 -10.68 -13.92
CA PRO A 162 -2.07 -9.40 -13.42
C PRO A 162 -0.56 -9.42 -13.25
N PHE A 163 0.03 -8.24 -13.35
CA PHE A 163 1.48 -8.06 -13.20
C PHE A 163 1.86 -7.53 -11.83
N VAL A 164 1.08 -6.60 -11.28
CA VAL A 164 1.34 -6.06 -9.95
C VAL A 164 0.53 -6.86 -8.94
N THR A 165 1.20 -7.37 -7.90
CA THR A 165 0.55 -8.14 -6.85
C THR A 165 0.36 -7.34 -5.57
N GLY A 166 1.23 -6.38 -5.29
CA GLY A 166 1.05 -5.58 -4.09
C GLY A 166 2.09 -4.49 -3.97
N ILE A 167 2.03 -3.80 -2.83
CA ILE A 167 2.99 -2.74 -2.50
C ILE A 167 3.24 -2.78 -0.99
N VAL A 168 4.39 -2.21 -0.61
CA VAL A 168 4.84 -2.22 0.78
C VAL A 168 5.52 -0.89 1.07
N MET A 169 5.08 -0.23 2.14
CA MET A 169 5.77 0.92 2.70
C MET A 169 6.43 0.46 3.99
N SER A 170 7.71 0.81 4.16
CA SER A 170 8.50 0.34 5.29
C SER A 170 9.19 1.54 5.94
N LYS A 171 8.76 1.89 7.15
CA LYS A 171 9.37 2.97 7.91
C LYS A 171 10.65 2.44 8.55
N ARG A 172 11.79 3.00 8.15
CA ARG A 172 13.08 2.60 8.67
C ARG A 172 13.69 3.74 9.48
N LYS A 173 14.89 3.49 10.01
CA LYS A 173 15.55 4.47 10.86
C LYS A 173 15.86 5.75 10.09
N TYR A 174 16.61 5.61 9.00
CA TYR A 174 17.01 6.76 8.19
C TYR A 174 16.19 6.90 6.90
N HIS A 175 15.84 5.79 6.26
CA HIS A 175 15.13 5.81 5.00
C HIS A 175 13.68 5.38 5.19
N ASN A 176 12.93 5.43 4.11
CA ASN A 176 11.57 4.91 4.06
C ASN A 176 11.43 4.17 2.73
N ARG A 177 11.29 2.85 2.80
CA ARG A 177 11.35 2.03 1.60
C ARG A 177 9.95 1.84 1.02
N LEU A 178 9.74 2.35 -0.17
CA LEU A 178 8.56 2.02 -0.96
C LEU A 178 8.91 0.86 -1.88
N ALA A 179 7.97 -0.07 -2.05
CA ALA A 179 8.23 -1.25 -2.86
C ALA A 179 6.95 -1.66 -3.58
N VAL A 180 7.09 -2.01 -4.85
CA VAL A 180 5.99 -2.53 -5.66
C VAL A 180 6.36 -3.97 -6.00
N TRP A 181 5.61 -4.92 -5.42
CA TRP A 181 5.82 -6.34 -5.64
C TRP A 181 5.03 -6.78 -6.87
N VAL A 182 5.75 -7.26 -7.88
CA VAL A 182 5.16 -7.76 -9.12
C VAL A 182 5.17 -9.29 -9.09
N SER A 183 4.82 -9.91 -10.22
CA SER A 183 4.70 -11.36 -10.30
C SER A 183 5.68 -12.01 -11.27
N ASP A 184 6.07 -11.30 -12.33
CA ASP A 184 6.98 -11.86 -13.35
C ASP A 184 8.24 -11.01 -13.37
N ALA A 185 9.34 -11.57 -12.85
CA ALA A 185 10.61 -10.87 -12.84
C ALA A 185 11.29 -10.85 -14.21
N SER A 186 10.82 -11.64 -15.17
CA SER A 186 11.43 -11.69 -16.48
C SER A 186 10.92 -10.60 -17.42
N ALA A 187 9.77 -10.01 -17.13
CA ALA A 187 9.17 -8.98 -17.98
C ALA A 187 9.97 -7.69 -17.85
N THR A 188 10.79 -7.39 -18.85
CA THR A 188 11.61 -6.18 -18.80
C THR A 188 10.80 -4.94 -19.16
N ASP A 189 9.99 -5.03 -20.23
CA ASP A 189 9.18 -3.90 -20.64
C ASP A 189 8.19 -3.51 -19.54
N LYS A 190 7.60 -4.51 -18.87
CA LYS A 190 6.67 -4.22 -17.80
C LYS A 190 7.37 -3.55 -16.62
N ILE A 191 8.61 -3.95 -16.33
CA ILE A 191 9.34 -3.32 -15.24
C ILE A 191 9.72 -1.88 -15.61
N GLU A 192 10.04 -1.63 -16.88
CA GLU A 192 10.31 -0.26 -17.29
C GLU A 192 9.05 0.60 -17.19
N ALA A 193 7.90 0.04 -17.61
CA ALA A 193 6.63 0.75 -17.47
C ALA A 193 6.30 1.01 -16.00
N LEU A 194 6.58 0.05 -15.13
CA LEU A 194 6.39 0.29 -13.70
C LEU A 194 7.34 1.35 -13.18
N LYS A 195 8.57 1.39 -13.72
CA LYS A 195 9.54 2.40 -13.29
C LYS A 195 9.02 3.81 -13.58
N LYS A 196 8.69 4.09 -14.85
CA LYS A 196 8.14 5.40 -15.18
C LYS A 196 6.89 5.71 -14.36
N ALA A 197 5.97 4.74 -14.24
CA ALA A 197 4.75 4.99 -13.48
C ALA A 197 5.07 5.38 -12.03
N LEU A 198 5.88 4.57 -11.36
CA LEU A 198 6.21 4.81 -9.96
C LEU A 198 6.93 6.14 -9.78
N THR A 199 7.80 6.49 -10.73
CA THR A 199 8.47 7.78 -10.66
C THR A 199 7.48 8.91 -10.82
N LYS A 200 6.43 8.71 -11.63
CA LYS A 200 5.42 9.76 -11.81
C LYS A 200 4.63 9.99 -10.53
N GLU A 201 4.06 8.93 -9.96
CA GLU A 201 3.17 9.05 -8.81
C GLU A 201 3.90 9.46 -7.54
N ALA A 202 5.21 9.67 -7.58
CA ALA A 202 5.99 10.00 -6.40
C ALA A 202 6.81 11.26 -6.65
N SER A 203 7.03 12.01 -5.57
CA SER A 203 7.84 13.22 -5.63
C SER A 203 8.39 13.53 -4.25
N LEU A 204 9.04 12.54 -3.62
CA LEU A 204 9.58 12.68 -2.27
C LEU A 204 11.07 12.43 -2.27
N ALA A 208 15.98 8.66 -3.79
CA ALA A 208 17.41 8.55 -3.50
C ALA A 208 17.97 7.22 -3.99
N SER A 209 17.08 6.24 -4.19
CA SER A 209 17.49 4.94 -4.67
C SER A 209 16.33 4.31 -5.45
N MET A 210 16.69 3.51 -6.45
CA MET A 210 15.70 2.71 -7.18
C MET A 210 16.36 1.41 -7.58
N VAL A 211 15.76 0.30 -7.16
CA VAL A 211 16.37 -1.02 -7.32
C VAL A 211 15.28 -2.04 -7.54
N PHE A 212 15.46 -2.88 -8.56
CA PHE A 212 14.62 -4.07 -8.75
C PHE A 212 15.35 -5.28 -8.18
N THR A 213 14.59 -6.18 -7.55
CA THR A 213 15.17 -7.35 -6.91
C THR A 213 14.24 -8.54 -7.13
N LYS A 214 14.76 -9.58 -7.79
CA LYS A 214 14.02 -10.83 -7.89
C LYS A 214 14.07 -11.58 -6.57
N HIS A 215 12.98 -12.24 -6.23
CA HIS A 215 12.88 -12.94 -4.96
C HIS A 215 13.59 -14.28 -5.03
N VAL B 5 -8.53 -3.41 -21.25
CA VAL B 5 -9.97 -3.57 -21.09
C VAL B 5 -10.28 -4.15 -19.71
N ARG B 6 -10.30 -3.27 -18.70
CA ARG B 6 -10.59 -3.68 -17.33
C ARG B 6 -11.06 -2.45 -16.56
N THR B 7 -11.57 -2.70 -15.35
CA THR B 7 -12.09 -1.63 -14.51
C THR B 7 -10.94 -0.71 -14.10
N MET B 8 -10.89 0.48 -14.69
CA MET B 8 -9.84 1.45 -14.42
C MET B 8 -10.43 2.76 -13.93
N TYR B 9 -9.67 3.44 -13.08
CA TYR B 9 -10.01 4.77 -12.60
C TYR B 9 -8.79 5.66 -12.72
N THR B 10 -9.02 6.96 -12.90
CA THR B 10 -7.97 7.95 -12.87
C THR B 10 -7.87 8.55 -11.46
N ARG B 11 -6.73 9.18 -11.19
CA ARG B 11 -6.54 9.79 -9.88
C ARG B 11 -7.63 10.81 -9.59
N GLU B 12 -7.95 11.66 -10.58
CA GLU B 12 -8.97 12.67 -10.38
C GLU B 12 -10.35 12.05 -10.19
N GLU B 13 -10.64 10.96 -10.90
CA GLU B 13 -11.90 10.25 -10.71
C GLU B 13 -11.99 9.67 -9.31
N LEU B 14 -10.89 9.09 -8.81
CA LEU B 14 -10.87 8.57 -7.44
C LEU B 14 -11.09 9.70 -6.43
N LEU B 15 -10.44 10.84 -6.65
CA LEU B 15 -10.59 11.95 -5.73
C LEU B 15 -12.01 12.52 -5.76
N ARG B 16 -12.68 12.43 -6.91
CA ARG B 16 -14.09 12.81 -6.96
C ARG B 16 -14.93 11.82 -6.16
N ILE B 17 -14.71 10.52 -6.36
CA ILE B 17 -15.49 9.51 -5.65
C ILE B 17 -15.24 9.56 -4.15
N ALA B 18 -14.09 10.09 -3.72
CA ALA B 18 -13.83 10.23 -2.29
C ALA B 18 -14.91 11.08 -1.62
N THR B 19 -15.49 12.05 -2.35
CA THR B 19 -16.57 12.83 -1.78
C THR B 19 -17.73 11.94 -1.38
N LEU B 20 -18.09 10.98 -2.23
CA LEU B 20 -19.11 10.00 -1.85
C LEU B 20 -18.63 9.16 -0.68
N ALA B 21 -17.39 8.69 -0.75
CA ALA B 21 -16.82 7.90 0.34
C ALA B 21 -17.05 8.57 1.68
N SER B 22 -17.02 9.90 1.70
CA SER B 22 -17.16 10.65 2.95
C SER B 22 -18.45 10.32 3.70
N ALA B 23 -19.41 9.64 3.07
CA ALA B 23 -20.69 9.32 3.70
C ALA B 23 -20.69 7.96 4.39
N MET B 24 -19.58 7.21 4.30
CA MET B 24 -19.51 5.85 4.81
C MET B 24 -18.49 5.77 5.94
N ASP B 25 -18.70 4.82 6.84
CA ASP B 25 -17.86 4.69 8.03
C ASP B 25 -17.61 3.20 8.28
N LEU B 26 -16.98 2.89 9.41
CA LEU B 26 -16.64 1.52 9.78
C LEU B 26 -17.26 1.18 11.12
N GLY B 27 -17.68 -0.08 11.26
CA GLY B 27 -18.12 -0.62 12.52
C GLY B 27 -16.94 -1.02 13.39
N PRO B 28 -17.25 -1.41 14.63
CA PRO B 28 -16.16 -1.75 15.56
C PRO B 28 -15.40 -2.99 15.17
N GLU B 29 -16.03 -3.95 14.50
CA GLU B 29 -15.33 -5.16 14.05
C GLU B 29 -14.14 -4.81 13.18
N VAL B 30 -14.35 -4.07 12.09
CA VAL B 30 -13.26 -3.74 11.20
C VAL B 30 -12.41 -2.60 11.75
N LEU B 31 -12.99 -1.75 12.60
CA LEU B 31 -12.27 -0.58 13.08
C LEU B 31 -11.28 -0.92 14.20
N ARG B 32 -11.54 -1.97 14.97
CA ARG B 32 -10.63 -2.32 16.05
C ARG B 32 -9.29 -2.79 15.50
N LYS B 33 -9.28 -3.40 14.31
CA LYS B 33 -8.05 -3.91 13.74
C LYS B 33 -7.07 -2.80 13.38
N PHE B 34 -7.54 -1.57 13.22
CA PHE B 34 -6.65 -0.44 12.98
C PHE B 34 -5.88 -0.04 14.23
N ASP B 35 -6.23 -0.59 15.40
CA ASP B 35 -5.53 -0.25 16.62
C ASP B 35 -4.11 -0.82 16.66
N VAL B 36 -3.83 -1.86 15.88
CA VAL B 36 -2.49 -2.43 15.85
C VAL B 36 -1.48 -1.39 15.36
N ILE B 37 -1.92 -0.48 14.49
CA ILE B 37 -1.02 0.54 13.97
C ILE B 37 -0.62 1.47 15.10
N GLU B 38 0.68 1.71 15.25
CA GLU B 38 1.22 2.42 16.39
C GLU B 38 1.77 3.78 15.98
N VAL B 39 1.45 4.78 16.77
CA VAL B 39 2.02 6.12 16.60
C VAL B 39 3.41 6.14 17.22
N ALA B 40 4.33 6.87 16.58
CA ALA B 40 5.67 6.99 17.11
C ALA B 40 5.64 7.65 18.48
N GLU B 41 6.58 7.24 19.33
CA GLU B 41 6.66 7.78 20.68
C GLU B 41 7.47 9.08 20.68
N PRO B 42 7.28 9.92 21.70
CA PRO B 42 8.02 11.19 21.73
C PRO B 42 9.48 10.99 22.10
N VAL B 43 10.27 12.03 21.86
CA VAL B 43 11.71 12.01 22.15
C VAL B 43 12.02 13.18 23.08
N PRO B 44 11.93 13.00 24.41
CA PRO B 44 12.22 14.10 25.33
C PRO B 44 13.72 14.38 25.47
#